data_4DYW
#
_entry.id   4DYW
#
_cell.length_a   78.040
_cell.length_b   78.040
_cell.length_c   113.920
_cell.angle_alpha   90.000
_cell.angle_beta   90.000
_cell.angle_gamma   90.000
#
_symmetry.space_group_name_H-M   'P 43 21 2'
#
loop_
_entity.id
_entity.type
_entity.pdbx_description
1 polymer 'MutT/NUDIX family protein'
2 water water
#
_entity_poly.entity_id   1
_entity_poly.type   'polypeptide(L)'
_entity_poly.pdbx_seq_one_letter_code
;MAHHHHHHMGTLEAQTQGPGSMQHTEQPRVGCGAAIVRDGRILLIKRKRAPEAGCWGLPGGKVDWLEPVERAVCREIEEE
LGIALERATLLCVVDHIDAANGEHWVAPVYLAHAFSGEPRVVEPDRHEALGWFALDDLPQPLTHATRIALEQVTRAA
;
_entity_poly.pdbx_strand_id   A,B
#
# COMPACT_ATOMS: atom_id res chain seq x y z
N GLU A 26 1.15 9.92 -16.63
CA GLU A 26 1.21 11.14 -15.79
C GLU A 26 1.53 10.73 -14.34
N GLN A 27 0.77 9.78 -13.77
CA GLN A 27 1.00 9.45 -12.34
C GLN A 27 0.68 8.02 -11.83
N PRO A 28 1.29 7.64 -10.68
CA PRO A 28 1.19 6.25 -10.23
C PRO A 28 -0.24 5.82 -9.98
N ARG A 29 -0.58 4.59 -10.30
CA ARG A 29 -1.94 4.11 -10.17
C ARG A 29 -1.98 3.08 -9.04
N VAL A 30 -3.17 2.89 -8.45
CA VAL A 30 -3.33 2.00 -7.30
C VAL A 30 -3.94 0.66 -7.72
N GLY A 31 -3.22 -0.42 -7.45
CA GLY A 31 -3.67 -1.77 -7.74
C GLY A 31 -3.79 -2.54 -6.46
N CYS A 32 -4.11 -3.83 -6.56
CA CYS A 32 -4.18 -4.72 -5.38
C CYS A 32 -4.10 -6.17 -5.79
N GLY A 33 -3.88 -7.04 -4.82
CA GLY A 33 -3.69 -8.45 -5.10
C GLY A 33 -3.95 -9.31 -3.90
N ALA A 34 -4.09 -10.62 -4.14
CA ALA A 34 -4.31 -11.61 -3.08
C ALA A 34 -3.37 -12.79 -3.24
N ALA A 35 -2.68 -13.14 -2.16
CA ALA A 35 -1.87 -14.33 -2.07
C ALA A 35 -2.74 -15.33 -1.31
N ILE A 36 -3.37 -16.26 -2.02
CA ILE A 36 -4.28 -17.22 -1.46
C ILE A 36 -3.54 -18.54 -1.23
N VAL A 37 -3.34 -18.89 0.04
CA VAL A 37 -2.46 -19.99 0.42
C VAL A 37 -3.18 -21.01 1.29
N ARG A 38 -3.25 -22.26 0.82
CA ARG A 38 -3.76 -23.42 1.57
C ARG A 38 -2.76 -24.56 1.45
N ASP A 39 -2.45 -25.21 2.58
CA ASP A 39 -1.63 -26.43 2.59
C ASP A 39 -0.28 -26.27 1.90
N GLY A 40 0.34 -25.11 2.09
CA GLY A 40 1.65 -24.84 1.49
C GLY A 40 1.61 -24.71 -0.02
N ARG A 41 0.43 -24.35 -0.54
CA ARG A 41 0.25 -24.11 -1.96
C ARG A 41 -0.40 -22.76 -2.20
N ILE A 42 -0.02 -22.10 -3.28
CA ILE A 42 -0.59 -20.81 -3.61
C ILE A 42 -1.47 -20.91 -4.86
N LEU A 43 -2.60 -20.20 -4.86
CA LEU A 43 -3.51 -20.19 -6.00
C LEU A 43 -3.07 -19.14 -7.00
N LEU A 44 -2.58 -19.60 -8.16
CA LEU A 44 -2.13 -18.73 -9.23
C LEU A 44 -2.97 -18.88 -10.49
N ILE A 45 -3.07 -17.78 -11.24
CA ILE A 45 -3.89 -17.68 -12.44
C ILE A 45 -3.02 -17.18 -13.59
N LYS A 46 -3.22 -17.70 -14.80
CA LYS A 46 -2.30 -17.47 -15.89
C LYS A 46 -2.94 -16.47 -16.85
N ARG A 47 -2.28 -15.34 -17.06
CA ARG A 47 -2.85 -14.26 -17.86
C ARG A 47 -2.74 -14.50 -19.37
N LYS A 48 -3.79 -14.16 -20.12
CA LYS A 48 -3.76 -14.20 -21.58
C LYS A 48 -3.26 -12.92 -22.20
N ARG A 49 -3.56 -11.78 -21.57
CA ARG A 49 -3.36 -10.48 -22.20
C ARG A 49 -2.27 -9.69 -21.52
N ALA A 50 -1.57 -8.87 -22.31
CA ALA A 50 -0.57 -7.97 -21.77
C ALA A 50 -1.21 -6.99 -20.77
N PRO A 51 -0.41 -6.40 -19.88
CA PRO A 51 1.01 -6.65 -19.65
C PRO A 51 1.26 -8.00 -18.96
N GLU A 52 2.49 -8.48 -19.05
CA GLU A 52 2.88 -9.74 -18.46
C GLU A 52 2.00 -10.92 -18.97
N ALA A 53 1.62 -10.85 -20.25
CA ALA A 53 0.89 -11.94 -20.92
C ALA A 53 1.66 -13.25 -20.83
N GLY A 54 0.95 -14.35 -20.59
CA GLY A 54 1.60 -15.65 -20.47
C GLY A 54 2.26 -15.96 -19.12
N CYS A 55 2.11 -15.05 -18.15
CA CYS A 55 2.65 -15.24 -16.81
C CYS A 55 1.62 -15.72 -15.82
N TRP A 56 2.08 -16.57 -14.91
CA TRP A 56 1.27 -17.00 -13.78
C TRP A 56 1.43 -15.98 -12.71
N GLY A 57 0.35 -15.61 -12.06
CA GLY A 57 0.44 -14.62 -11.01
C GLY A 57 -0.71 -14.61 -10.04
N LEU A 58 -0.58 -13.73 -9.05
CA LEU A 58 -1.61 -13.51 -8.07
C LEU A 58 -2.82 -12.92 -8.74
N PRO A 59 -4.02 -13.31 -8.30
CA PRO A 59 -5.20 -12.56 -8.69
C PRO A 59 -5.20 -11.13 -8.10
N GLY A 60 -5.87 -10.21 -8.79
CA GLY A 60 -5.96 -8.82 -8.34
C GLY A 60 -6.31 -7.90 -9.49
N GLY A 61 -6.12 -6.59 -9.30
CA GLY A 61 -6.53 -5.62 -10.30
C GLY A 61 -6.53 -4.21 -9.74
N LYS A 62 -7.27 -3.31 -10.39
CA LYS A 62 -7.22 -1.91 -10.02
C LYS A 62 -8.19 -1.65 -8.87
N VAL A 63 -7.84 -0.70 -7.99
CA VAL A 63 -8.78 -0.18 -6.97
C VAL A 63 -9.63 0.91 -7.64
N ASP A 64 -10.96 0.85 -7.48
CA ASP A 64 -11.87 1.83 -8.11
C ASP A 64 -12.01 3.10 -7.29
N TRP A 65 -12.44 4.16 -7.96
CA TRP A 65 -12.68 5.46 -7.36
C TRP A 65 -13.60 5.30 -6.19
N LEU A 66 -13.12 5.73 -5.03
CA LEU A 66 -13.85 5.76 -3.74
C LEU A 66 -14.08 4.41 -3.09
N GLU A 67 -13.35 3.40 -3.58
CA GLU A 67 -13.46 2.04 -3.04
C GLU A 67 -12.34 1.75 -2.03
N PRO A 68 -12.68 1.26 -0.83
CA PRO A 68 -11.56 0.90 0.04
C PRO A 68 -10.71 -0.21 -0.54
N VAL A 69 -9.40 -0.17 -0.31
CA VAL A 69 -8.53 -1.16 -0.89
C VAL A 69 -9.00 -2.60 -0.55
N GLU A 70 -9.42 -2.86 0.70
CA GLU A 70 -9.83 -4.23 1.08
C GLU A 70 -11.11 -4.66 0.39
N ARG A 71 -12.03 -3.74 0.11
CA ARG A 71 -13.23 -4.11 -0.66
C ARG A 71 -12.81 -4.37 -2.12
N ALA A 72 -11.77 -3.70 -2.61
CA ALA A 72 -11.26 -3.95 -3.98
C ALA A 72 -10.65 -5.36 -4.08
N VAL A 73 -9.91 -5.80 -3.06
CA VAL A 73 -9.32 -7.15 -3.13
C VAL A 73 -10.43 -8.20 -3.22
N CYS A 74 -11.45 -8.08 -2.38
CA CYS A 74 -12.55 -9.02 -2.41
C CYS A 74 -13.33 -9.02 -3.73
N ARG A 75 -13.62 -7.84 -4.25
CA ARG A 75 -14.41 -7.72 -5.45
C ARG A 75 -13.67 -8.34 -6.65
N GLU A 76 -12.37 -8.07 -6.72
CA GLU A 76 -11.56 -8.42 -7.89
C GLU A 76 -11.27 -9.94 -7.90
N ILE A 77 -11.08 -10.53 -6.73
CA ILE A 77 -10.90 -11.95 -6.61
C ILE A 77 -12.24 -12.65 -6.89
N GLU A 78 -13.36 -12.04 -6.51
CA GLU A 78 -14.71 -12.57 -6.81
C GLU A 78 -14.94 -12.55 -8.31
N GLU A 79 -14.64 -11.41 -8.92
CA GLU A 79 -14.78 -11.27 -10.37
C GLU A 79 -13.92 -12.26 -11.19
N GLU A 80 -12.77 -12.67 -10.65
CA GLU A 80 -11.79 -13.45 -11.39
C GLU A 80 -11.86 -14.92 -11.12
N LEU A 81 -12.21 -15.26 -9.89
CA LEU A 81 -12.10 -16.61 -9.40
C LEU A 81 -13.42 -17.17 -8.85
N GLY A 82 -14.41 -16.32 -8.67
CA GLY A 82 -15.71 -16.76 -8.20
C GLY A 82 -15.75 -17.20 -6.76
N ILE A 83 -14.79 -16.72 -5.95
CA ILE A 83 -14.75 -17.03 -4.50
C ILE A 83 -14.82 -15.74 -3.67
N ALA A 84 -15.17 -15.87 -2.39
CA ALA A 84 -15.35 -14.72 -1.47
C ALA A 84 -14.32 -14.85 -0.36
N LEU A 85 -13.37 -13.92 -0.33
CA LEU A 85 -12.31 -13.96 0.67
C LEU A 85 -12.86 -13.68 2.07
N GLU A 86 -12.30 -14.37 3.06
CA GLU A 86 -12.61 -14.13 4.46
C GLU A 86 -11.30 -13.88 5.22
N ARG A 87 -11.26 -12.76 5.94
CA ARG A 87 -10.17 -12.48 6.89
C ARG A 87 -8.79 -12.27 6.22
N ALA A 88 -8.74 -11.49 5.15
CA ALA A 88 -7.46 -11.23 4.46
C ALA A 88 -6.63 -10.19 5.21
N THR A 89 -5.35 -10.47 5.48
CA THR A 89 -4.47 -9.52 6.22
C THR A 89 -3.32 -8.98 5.34
N LEU A 90 -2.89 -7.74 5.57
CA LEU A 90 -1.88 -7.09 4.72
C LEU A 90 -0.59 -7.88 4.72
N LEU A 91 -0.01 -8.14 3.55
CA LEU A 91 1.26 -8.89 3.45
C LEU A 91 2.44 -8.02 3.05
N CYS A 92 2.27 -7.21 2.00
CA CYS A 92 3.35 -6.34 1.54
C CYS A 92 2.73 -5.35 0.57
N VAL A 93 3.55 -4.45 0.04
CA VAL A 93 3.15 -3.57 -1.05
C VAL A 93 4.13 -3.69 -2.22
N VAL A 94 3.60 -3.97 -3.40
CA VAL A 94 4.40 -4.16 -4.61
C VAL A 94 4.49 -2.86 -5.41
N ASP A 95 5.71 -2.42 -5.70
CA ASP A 95 6.01 -1.42 -6.73
C ASP A 95 6.07 -2.10 -8.08
N HIS A 96 5.18 -1.73 -9.00
CA HIS A 96 5.30 -2.18 -10.38
C HIS A 96 5.68 -1.02 -11.25
N ILE A 97 6.98 -0.84 -11.43
CA ILE A 97 7.52 0.30 -12.17
C ILE A 97 8.08 -0.22 -13.50
N ASP A 98 7.56 0.29 -14.61
CA ASP A 98 7.99 -0.15 -15.95
C ASP A 98 7.99 1.05 -16.88
N ALA A 99 9.09 1.79 -16.82
CA ALA A 99 9.23 3.03 -17.58
C ALA A 99 9.09 2.76 -19.08
N ALA A 100 9.71 1.71 -19.59
CA ALA A 100 9.65 1.35 -21.03
C ALA A 100 8.20 1.24 -21.57
N ASN A 101 7.32 0.59 -20.81
CA ASN A 101 5.92 0.43 -21.21
C ASN A 101 5.00 1.50 -20.65
N GLY A 102 5.59 2.47 -19.94
CA GLY A 102 4.85 3.65 -19.47
C GLY A 102 3.88 3.37 -18.34
N GLU A 103 4.18 2.41 -17.48
CA GLU A 103 3.29 2.17 -16.35
C GLU A 103 3.92 2.04 -14.94
N HIS A 104 3.14 2.52 -13.98
CA HIS A 104 3.53 2.55 -12.59
C HIS A 104 2.30 2.25 -11.77
N TRP A 105 2.30 1.08 -11.14
CA TRP A 105 1.25 0.69 -10.21
C TRP A 105 1.90 0.48 -8.87
N VAL A 106 1.20 0.85 -7.81
CA VAL A 106 1.55 0.43 -6.46
C VAL A 106 0.41 -0.45 -5.97
N ALA A 107 0.70 -1.65 -5.49
CA ALA A 107 -0.32 -2.68 -5.25
C ALA A 107 -0.17 -3.36 -3.90
N PRO A 108 -0.99 -2.97 -2.92
CA PRO A 108 -1.02 -3.73 -1.67
C PRO A 108 -1.50 -5.17 -1.93
N VAL A 109 -0.83 -6.14 -1.33
CA VAL A 109 -1.19 -7.54 -1.49
C VAL A 109 -1.57 -8.11 -0.13
N TYR A 110 -2.72 -8.78 -0.07
CA TYR A 110 -3.29 -9.35 1.16
C TYR A 110 -3.19 -10.88 1.14
N LEU A 111 -2.87 -11.46 2.29
CA LEU A 111 -2.79 -12.91 2.48
C LEU A 111 -4.12 -13.43 2.95
N ALA A 112 -4.58 -14.52 2.35
CA ALA A 112 -5.84 -15.16 2.73
C ALA A 112 -5.64 -16.66 2.78
N HIS A 113 -6.09 -17.30 3.86
CA HIS A 113 -6.08 -18.77 3.99
C HIS A 113 -7.47 -19.35 3.85
N ALA A 114 -8.47 -18.48 3.86
CA ALA A 114 -9.85 -18.88 4.00
C ALA A 114 -10.74 -18.13 3.01
N PHE A 115 -11.66 -18.87 2.39
CA PHE A 115 -12.64 -18.29 1.49
C PHE A 115 -13.82 -19.27 1.34
N SER A 116 -14.87 -18.82 0.68
CA SER A 116 -16.03 -19.65 0.34
C SER A 116 -16.19 -19.75 -1.18
N GLY A 117 -16.74 -20.86 -1.65
CA GLY A 117 -16.85 -21.16 -3.08
C GLY A 117 -15.63 -21.91 -3.57
N GLU A 118 -15.65 -22.29 -4.84
CA GLU A 118 -14.53 -23.04 -5.40
C GLU A 118 -13.92 -22.29 -6.61
N PRO A 119 -12.59 -22.10 -6.61
CA PRO A 119 -11.97 -21.24 -7.63
C PRO A 119 -12.11 -21.77 -9.05
N ARG A 120 -12.47 -20.87 -9.95
CA ARG A 120 -12.59 -21.17 -11.37
C ARG A 120 -12.22 -19.93 -12.17
N VAL A 121 -11.83 -20.11 -13.42
CA VAL A 121 -11.60 -18.98 -14.28
C VAL A 121 -12.96 -18.47 -14.73
N VAL A 122 -13.43 -17.37 -14.14
CA VAL A 122 -14.72 -16.77 -14.44
C VAL A 122 -14.69 -16.02 -15.75
N GLU A 123 -13.51 -15.56 -16.18
CA GLU A 123 -13.37 -14.74 -17.39
C GLU A 123 -12.34 -15.38 -18.35
N PRO A 124 -12.78 -16.28 -19.22
CA PRO A 124 -11.87 -16.97 -20.20
C PRO A 124 -11.18 -16.06 -21.20
N ASP A 125 -11.67 -14.85 -21.39
CA ASP A 125 -10.97 -13.90 -22.25
C ASP A 125 -9.69 -13.32 -21.62
N ARG A 126 -9.61 -13.33 -20.29
CA ARG A 126 -8.47 -12.72 -19.59
C ARG A 126 -7.48 -13.76 -19.04
N HIS A 127 -8.00 -14.88 -18.54
CA HIS A 127 -7.15 -15.96 -18.02
C HIS A 127 -7.41 -17.26 -18.68
N GLU A 128 -6.37 -18.05 -18.86
CA GLU A 128 -6.46 -19.36 -19.54
C GLU A 128 -6.03 -20.59 -18.74
N ALA A 129 -5.59 -20.41 -17.49
CA ALA A 129 -5.28 -21.52 -16.58
C ALA A 129 -5.35 -21.06 -15.12
N LEU A 130 -5.49 -22.02 -14.22
CA LEU A 130 -5.61 -21.76 -12.79
C LEU A 130 -5.09 -22.96 -12.08
N GLY A 131 -4.43 -22.80 -10.93
CA GLY A 131 -3.89 -23.92 -10.18
C GLY A 131 -3.36 -23.61 -8.79
N TRP A 132 -3.21 -24.67 -7.99
CA TRP A 132 -2.53 -24.67 -6.71
C TRP A 132 -1.14 -25.15 -6.91
N PHE A 133 -0.15 -24.35 -6.51
CA PHE A 133 1.26 -24.71 -6.67
C PHE A 133 2.03 -24.65 -5.37
N ALA A 134 2.91 -25.62 -5.16
CA ALA A 134 3.72 -25.70 -3.97
C ALA A 134 4.77 -24.60 -4.04
N LEU A 135 5.07 -23.96 -2.92
CA LEU A 135 5.92 -22.75 -2.94
C LEU A 135 7.36 -23.05 -3.36
N ASP A 136 7.75 -24.33 -3.25
CA ASP A 136 9.08 -24.80 -3.69
C ASP A 136 9.11 -25.33 -5.14
N ASP A 137 7.97 -25.29 -5.84
CA ASP A 137 7.86 -25.88 -7.19
C ASP A 137 6.94 -24.98 -8.07
N LEU A 138 7.26 -23.70 -8.11
CA LEU A 138 6.41 -22.71 -8.78
C LEU A 138 6.46 -22.83 -10.31
N PRO A 139 5.34 -22.50 -10.98
CA PRO A 139 5.36 -22.48 -12.44
C PRO A 139 6.10 -21.26 -12.92
N GLN A 140 6.36 -21.20 -14.21
CA GLN A 140 7.15 -20.16 -14.84
C GLN A 140 6.51 -19.80 -16.17
N PRO A 141 6.65 -18.53 -16.61
CA PRO A 141 7.14 -17.36 -15.86
C PRO A 141 6.11 -16.78 -14.84
N LEU A 142 6.61 -16.10 -13.81
CA LEU A 142 5.73 -15.47 -12.80
C LEU A 142 5.64 -13.96 -12.99
N THR A 143 4.49 -13.36 -12.67
CA THR A 143 4.39 -11.90 -12.68
C THR A 143 5.36 -11.35 -11.64
N HIS A 144 5.85 -10.14 -11.90
CA HIS A 144 6.67 -9.41 -10.94
C HIS A 144 6.00 -9.36 -9.60
N ALA A 145 4.71 -9.02 -9.55
CA ALA A 145 4.00 -8.88 -8.25
C ALA A 145 4.07 -10.15 -7.43
N THR A 146 3.92 -11.30 -8.09
CA THR A 146 4.03 -12.59 -7.44
C THR A 146 5.43 -12.87 -6.88
N ARG A 147 6.48 -12.54 -7.64
CA ARG A 147 7.86 -12.76 -7.15
C ARG A 147 8.11 -11.99 -5.85
N ILE A 148 7.71 -10.71 -5.84
CA ILE A 148 7.85 -9.88 -4.62
C ILE A 148 6.99 -10.39 -3.45
N ALA A 149 5.74 -10.72 -3.70
CA ALA A 149 4.91 -11.31 -2.66
C ALA A 149 5.51 -12.56 -2.07
N LEU A 150 6.00 -13.46 -2.93
CA LEU A 150 6.56 -14.72 -2.46
C LEU A 150 7.83 -14.57 -1.62
N GLU A 151 8.65 -13.56 -1.92
CA GLU A 151 9.82 -13.26 -1.08
C GLU A 151 9.44 -12.93 0.38
N GLN A 152 8.21 -12.45 0.60
CA GLN A 152 7.68 -12.21 1.96
C GLN A 152 7.11 -13.49 2.63
N VAL A 153 6.21 -14.20 1.95
CA VAL A 153 5.57 -15.40 2.51
C VAL A 153 6.60 -16.42 3.02
N THR A 154 7.42 -16.97 2.13
CA THR A 154 8.40 -18.00 2.52
C THR A 154 9.28 -18.43 1.34
N GLU B 26 -11.08 11.46 -10.93
CA GLU B 26 -11.23 10.23 -11.74
C GLU B 26 -10.56 8.99 -11.06
N GLN B 27 -9.33 9.15 -10.58
CA GLN B 27 -8.49 8.01 -10.18
C GLN B 27 -7.89 8.08 -8.78
N PRO B 28 -7.93 6.98 -8.01
CA PRO B 28 -7.20 6.97 -6.75
C PRO B 28 -5.71 7.35 -6.89
N ARG B 29 -5.17 8.10 -5.94
CA ARG B 29 -3.77 8.56 -6.01
C ARG B 29 -2.98 7.84 -4.95
N VAL B 30 -1.66 7.76 -5.16
CA VAL B 30 -0.77 7.07 -4.25
C VAL B 30 0.03 8.03 -3.38
N GLY B 31 -0.09 7.84 -2.07
CA GLY B 31 0.65 8.61 -1.08
C GLY B 31 1.51 7.71 -0.24
N CYS B 32 2.18 8.27 0.75
CA CYS B 32 2.94 7.47 1.70
C CYS B 32 3.17 8.24 2.99
N GLY B 33 3.64 7.54 4.01
CA GLY B 33 3.83 8.15 5.30
C GLY B 33 4.76 7.37 6.20
N ALA B 34 5.19 8.03 7.28
CA ALA B 34 6.05 7.41 8.29
C ALA B 34 5.48 7.68 9.70
N ALA B 35 5.40 6.61 10.49
CA ALA B 35 5.05 6.67 11.89
C ALA B 35 6.36 6.54 12.63
N ILE B 36 6.92 7.67 13.07
CA ILE B 36 8.26 7.71 13.69
C ILE B 36 8.10 7.77 15.19
N VAL B 37 8.46 6.67 15.84
CA VAL B 37 8.20 6.49 17.27
C VAL B 37 9.48 6.22 18.06
N ARG B 38 9.73 7.07 19.08
CA ARG B 38 10.82 6.88 20.05
C ARG B 38 10.27 7.22 21.45
N ASP B 39 10.63 6.39 22.44
CA ASP B 39 10.30 6.64 23.85
C ASP B 39 8.80 6.85 24.11
N GLY B 40 7.97 6.08 23.41
CA GLY B 40 6.50 6.19 23.55
C GLY B 40 5.92 7.50 23.04
N ARG B 41 6.64 8.16 22.12
CA ARG B 41 6.18 9.39 21.50
C ARG B 41 6.27 9.31 19.98
N ILE B 42 5.31 9.93 19.29
CA ILE B 42 5.31 9.91 17.84
C ILE B 42 5.63 11.30 17.29
N LEU B 43 6.44 11.36 16.23
CA LEU B 43 6.82 12.64 15.62
C LEU B 43 5.74 13.07 14.63
N LEU B 44 5.02 14.15 14.94
CA LEU B 44 3.98 14.69 14.07
C LEU B 44 4.33 16.10 13.59
N ILE B 45 3.82 16.48 12.42
CA ILE B 45 4.05 17.81 11.84
C ILE B 45 2.70 18.45 11.56
N LYS B 46 2.62 19.77 11.63
CA LYS B 46 1.36 20.44 11.52
C LYS B 46 1.24 21.13 10.17
N ARG B 47 0.20 20.80 9.40
CA ARG B 47 0.06 21.34 8.05
C ARG B 47 -0.51 22.75 8.06
N LYS B 48 0.06 23.62 7.21
CA LYS B 48 -0.46 24.99 7.04
C LYS B 48 -1.53 25.03 5.94
N ARG B 49 -1.44 24.18 4.90
CA ARG B 49 -2.27 24.34 3.68
C ARG B 49 -3.22 23.18 3.49
N ALA B 50 -4.39 23.47 2.91
CA ALA B 50 -5.41 22.45 2.63
C ALA B 50 -4.84 21.39 1.67
N PRO B 51 -5.43 20.20 1.65
CA PRO B 51 -6.48 19.68 2.52
C PRO B 51 -5.99 19.38 3.94
N GLU B 52 -6.94 19.26 4.86
CA GLU B 52 -6.63 19.01 6.24
C GLU B 52 -5.66 20.08 6.83
N ALA B 53 -5.81 21.34 6.39
CA ALA B 53 -5.08 22.48 6.94
C ALA B 53 -5.30 22.58 8.47
N GLY B 54 -4.24 22.88 9.19
CA GLY B 54 -4.35 23.00 10.62
C GLY B 54 -4.26 21.69 11.41
N CYS B 55 -4.10 20.58 10.71
CA CYS B 55 -4.06 19.27 11.33
C CYS B 55 -2.66 18.80 11.53
N TRP B 56 -2.46 18.10 12.64
CA TRP B 56 -1.21 17.41 12.91
C TRP B 56 -1.29 16.08 12.27
N GLY B 57 -0.21 15.64 11.64
CA GLY B 57 -0.24 14.33 11.01
C GLY B 57 1.12 13.73 10.77
N LEU B 58 1.11 12.50 10.28
CA LEU B 58 2.32 11.78 9.97
C LEU B 58 3.04 12.50 8.83
N PRO B 59 4.37 12.55 8.86
CA PRO B 59 5.09 13.04 7.71
C PRO B 59 4.96 12.08 6.54
N GLY B 60 5.01 12.64 5.34
CA GLY B 60 4.77 11.88 4.12
C GLY B 60 4.27 12.79 3.02
N GLY B 61 3.70 12.22 1.99
CA GLY B 61 3.30 12.97 0.81
C GLY B 61 3.09 12.08 -0.38
N LYS B 62 3.13 12.65 -1.58
CA LYS B 62 2.77 11.89 -2.77
C LYS B 62 3.99 11.09 -3.27
N VAL B 63 3.72 9.93 -3.85
CA VAL B 63 4.72 9.14 -4.55
C VAL B 63 4.84 9.70 -5.98
N ASP B 64 6.07 9.95 -6.42
CA ASP B 64 6.28 10.52 -7.77
C ASP B 64 6.29 9.43 -8.83
N TRP B 65 6.04 9.86 -10.06
CA TRP B 65 6.09 9.01 -11.23
C TRP B 65 7.41 8.26 -11.28
N LEU B 66 7.30 6.93 -11.28
CA LEU B 66 8.42 5.95 -11.37
C LEU B 66 9.28 5.83 -10.10
N GLU B 67 8.84 6.42 -9.00
CA GLU B 67 9.61 6.40 -7.74
C GLU B 67 9.13 5.24 -6.86
N PRO B 68 10.05 4.40 -6.34
CA PRO B 68 9.56 3.38 -5.44
C PRO B 68 8.95 3.99 -4.19
N VAL B 69 7.93 3.35 -3.64
CA VAL B 69 7.23 3.92 -2.51
C VAL B 69 8.21 4.19 -1.36
N GLU B 70 9.14 3.29 -1.09
CA GLU B 70 10.08 3.47 0.00
C GLU B 70 11.04 4.61 -0.24
N ARG B 71 11.36 4.90 -1.50
CA ARG B 71 12.23 6.04 -1.76
C ARG B 71 11.42 7.32 -1.53
N ALA B 72 10.11 7.26 -1.81
CA ALA B 72 9.26 8.42 -1.57
C ALA B 72 9.17 8.70 -0.08
N VAL B 73 9.07 7.67 0.78
CA VAL B 73 9.00 7.92 2.18
C VAL B 73 10.24 8.68 2.65
N CYS B 74 11.42 8.21 2.27
CA CYS B 74 12.68 8.81 2.70
C CYS B 74 12.83 10.24 2.19
N ARG B 75 12.47 10.47 0.93
CA ARG B 75 12.62 11.78 0.32
C ARG B 75 11.73 12.81 1.03
N GLU B 76 10.51 12.39 1.32
CA GLU B 76 9.47 13.28 1.75
C GLU B 76 9.69 13.63 3.24
N ILE B 77 10.15 12.67 4.02
CA ILE B 77 10.55 12.91 5.40
C ILE B 77 11.79 13.81 5.48
N GLU B 78 12.71 13.64 4.54
CA GLU B 78 13.90 14.47 4.47
C GLU B 78 13.50 15.90 4.12
N GLU B 79 12.64 16.05 3.11
CA GLU B 79 12.17 17.35 2.69
C GLU B 79 11.42 18.12 3.79
N GLU B 80 10.78 17.40 4.71
CA GLU B 80 9.87 18.00 5.68
C GLU B 80 10.50 18.21 7.04
N LEU B 81 11.40 17.30 7.41
CA LEU B 81 11.94 17.24 8.73
C LEU B 81 13.47 17.25 8.81
N GLY B 82 14.14 17.10 7.67
CA GLY B 82 15.59 17.13 7.63
C GLY B 82 16.28 15.92 8.25
N ILE B 83 15.58 14.78 8.32
CA ILE B 83 16.19 13.54 8.83
C ILE B 83 16.16 12.42 7.79
N ALA B 84 17.01 11.41 7.98
CA ALA B 84 17.20 10.31 7.03
C ALA B 84 16.72 9.03 7.72
N LEU B 85 15.62 8.47 7.23
CA LEU B 85 15.07 7.27 7.84
C LEU B 85 15.99 6.06 7.62
N GLU B 86 16.07 5.21 8.63
CA GLU B 86 16.81 3.96 8.54
C GLU B 86 15.92 2.80 9.00
N ARG B 87 15.84 1.77 8.14
CA ARG B 87 15.23 0.48 8.47
C ARG B 87 13.71 0.58 8.80
N ALA B 88 12.95 1.27 7.95
CA ALA B 88 11.51 1.39 8.18
C ALA B 88 10.80 0.12 7.68
N THR B 89 9.87 -0.42 8.48
CA THR B 89 9.09 -1.61 8.07
C THR B 89 7.60 -1.28 7.83
N LEU B 90 6.97 -1.97 6.88
CA LEU B 90 5.57 -1.68 6.51
C LEU B 90 4.66 -1.85 7.72
N LEU B 91 3.77 -0.88 8.01
CA LEU B 91 2.85 -0.96 9.17
C LEU B 91 1.37 -1.21 8.79
N CYS B 92 0.88 -0.43 7.83
CA CYS B 92 -0.49 -0.57 7.40
C CYS B 92 -0.63 0.19 6.10
N VAL B 93 -1.82 0.14 5.50
CA VAL B 93 -2.16 0.95 4.34
C VAL B 93 -3.43 1.74 4.62
N VAL B 94 -3.34 3.06 4.50
CA VAL B 94 -4.44 3.95 4.80
C VAL B 94 -5.23 4.24 3.54
N ASP B 95 -6.55 4.04 3.62
CA ASP B 95 -7.50 4.57 2.67
C ASP B 95 -7.89 5.97 3.09
N HIS B 96 -7.60 6.97 2.27
CA HIS B 96 -8.13 8.32 2.50
C HIS B 96 -9.17 8.62 1.45
N ILE B 97 -10.43 8.33 1.78
CA ILE B 97 -11.53 8.45 0.85
C ILE B 97 -12.40 9.61 1.31
N ASP B 98 -12.56 10.61 0.46
CA ASP B 98 -13.33 11.80 0.82
C ASP B 98 -14.09 12.27 -0.40
N ALA B 99 -15.25 11.66 -0.63
CA ALA B 99 -16.06 11.94 -1.82
C ALA B 99 -16.45 13.41 -1.86
N ALA B 100 -16.84 13.96 -0.72
CA ALA B 100 -17.28 15.37 -0.61
C ALA B 100 -16.25 16.36 -1.17
N ASN B 101 -14.97 16.14 -0.85
CA ASN B 101 -13.88 17.01 -1.31
C ASN B 101 -13.17 16.49 -2.53
N GLY B 102 -13.67 15.39 -3.07
CA GLY B 102 -13.23 14.90 -4.37
C GLY B 102 -11.85 14.25 -4.34
N GLU B 103 -11.46 13.66 -3.23
CA GLU B 103 -10.18 12.99 -3.20
C GLU B 103 -10.09 11.56 -2.60
N HIS B 104 -9.16 10.80 -3.16
CA HIS B 104 -8.93 9.43 -2.82
C HIS B 104 -7.46 9.17 -2.92
N TRP B 105 -6.82 8.96 -1.77
CA TRP B 105 -5.42 8.57 -1.68
C TRP B 105 -5.37 7.22 -1.02
N VAL B 106 -4.44 6.36 -1.47
CA VAL B 106 -4.08 5.14 -0.76
C VAL B 106 -2.62 5.34 -0.36
N ALA B 107 -2.32 5.12 0.92
CA ALA B 107 -1.03 5.52 1.48
C ALA B 107 -0.44 4.43 2.38
N PRO B 108 0.56 3.69 1.87
CA PRO B 108 1.32 2.81 2.74
C PRO B 108 2.08 3.65 3.79
N VAL B 109 2.02 3.21 5.04
CA VAL B 109 2.66 3.90 6.16
C VAL B 109 3.66 2.92 6.75
N TYR B 110 4.91 3.39 6.90
CA TYR B 110 6.03 2.60 7.43
C TYR B 110 6.34 3.05 8.87
N LEU B 111 6.69 2.09 9.72
CA LEU B 111 7.13 2.35 11.10
C LEU B 111 8.63 2.49 11.14
N ALA B 112 9.13 3.48 11.86
CA ALA B 112 10.59 3.66 12.03
C ALA B 112 10.86 4.05 13.45
N HIS B 113 11.89 3.45 14.03
CA HIS B 113 12.39 3.83 15.37
C HIS B 113 13.72 4.55 15.29
N ALA B 114 14.32 4.58 14.09
CA ALA B 114 15.72 4.94 13.89
C ALA B 114 15.90 5.88 12.69
N PHE B 115 16.71 6.91 12.88
CA PHE B 115 17.03 7.86 11.82
C PHE B 115 18.28 8.63 12.20
N SER B 116 18.82 9.38 11.25
CA SER B 116 19.97 10.25 11.48
C SER B 116 19.58 11.70 11.25
N GLY B 117 20.26 12.60 11.95
CA GLY B 117 19.94 14.02 11.91
C GLY B 117 18.92 14.36 13.00
N GLU B 118 18.60 15.64 13.09
CA GLU B 118 17.73 16.14 14.14
C GLU B 118 16.51 16.78 13.46
N PRO B 119 15.30 16.44 13.94
CA PRO B 119 14.09 16.96 13.29
C PRO B 119 14.00 18.46 13.42
N ARG B 120 13.70 19.13 12.34
CA ARG B 120 13.70 20.57 12.30
C ARG B 120 12.61 20.99 11.34
N VAL B 121 12.17 22.23 11.47
CA VAL B 121 11.11 22.74 10.62
C VAL B 121 11.79 23.21 9.37
N VAL B 122 11.87 22.33 8.38
CA VAL B 122 12.58 22.63 7.17
C VAL B 122 11.86 23.72 6.41
N GLU B 123 10.53 23.67 6.42
CA GLU B 123 9.75 24.56 5.54
C GLU B 123 8.47 25.05 6.20
N PRO B 124 8.54 26.20 6.89
CA PRO B 124 7.40 26.72 7.65
C PRO B 124 6.16 27.07 6.84
N ASP B 125 6.33 27.31 5.54
CA ASP B 125 5.15 27.62 4.68
C ASP B 125 4.28 26.38 4.44
N ARG B 126 4.83 25.18 4.65
CA ARG B 126 4.15 23.91 4.41
C ARG B 126 3.73 23.27 5.76
N HIS B 127 4.69 23.19 6.68
CA HIS B 127 4.42 22.75 8.02
C HIS B 127 5.10 23.67 8.96
N GLU B 128 4.31 24.26 9.85
CA GLU B 128 4.82 25.35 10.68
C GLU B 128 5.40 24.87 12.01
N ALA B 129 4.99 23.68 12.46
CA ALA B 129 5.37 23.14 13.78
C ALA B 129 5.63 21.65 13.69
N LEU B 130 6.34 21.14 14.71
CA LEU B 130 6.69 19.73 14.80
C LEU B 130 6.72 19.40 16.28
N GLY B 131 6.46 18.15 16.62
CA GLY B 131 6.51 17.75 18.01
C GLY B 131 6.50 16.25 18.21
N TRP B 132 6.93 15.86 19.42
CA TRP B 132 6.98 14.49 19.87
C TRP B 132 5.90 14.32 20.89
N PHE B 133 4.85 13.60 20.51
CA PHE B 133 3.64 13.52 21.33
C PHE B 133 3.46 12.12 21.86
N ALA B 134 3.05 12.04 23.12
CA ALA B 134 2.81 10.77 23.78
C ALA B 134 1.56 10.17 23.18
N LEU B 135 1.55 8.85 22.99
CA LEU B 135 0.45 8.22 22.22
C LEU B 135 -0.90 8.31 22.93
N ASP B 136 -0.86 8.56 24.25
CA ASP B 136 -2.08 8.76 25.06
C ASP B 136 -2.49 10.23 25.21
N ASP B 137 -1.74 11.15 24.61
CA ASP B 137 -1.97 12.60 24.82
C ASP B 137 -1.74 13.35 23.50
N LEU B 138 -2.43 12.87 22.48
CA LEU B 138 -2.25 13.36 21.14
C LEU B 138 -2.81 14.78 20.95
N PRO B 139 -2.18 15.58 20.07
CA PRO B 139 -2.73 16.87 19.76
C PRO B 139 -3.99 16.73 18.93
N GLN B 140 -4.66 17.85 18.71
CA GLN B 140 -5.85 17.90 17.90
C GLN B 140 -5.80 19.14 17.03
N PRO B 141 -6.43 19.08 15.85
CA PRO B 141 -7.00 17.90 15.20
C PRO B 141 -5.93 17.04 14.51
N LEU B 142 -6.20 15.75 14.33
CA LEU B 142 -5.25 14.89 13.60
C LEU B 142 -5.73 14.63 12.18
N THR B 143 -4.82 14.44 11.24
CA THR B 143 -5.23 13.99 9.91
C THR B 143 -5.87 12.61 10.02
N HIS B 144 -6.81 12.32 9.12
CA HIS B 144 -7.38 10.97 9.02
C HIS B 144 -6.34 9.89 8.94
N ALA B 145 -5.32 10.08 8.09
CA ALA B 145 -4.27 9.06 7.94
C ALA B 145 -3.63 8.71 9.27
N THR B 146 -3.34 9.73 10.08
CA THR B 146 -2.73 9.53 11.41
C THR B 146 -3.61 8.77 12.34
N ARG B 147 -4.92 9.02 12.32
CA ARG B 147 -5.84 8.28 13.21
C ARG B 147 -5.80 6.79 12.91
N ILE B 148 -5.86 6.45 11.63
CA ILE B 148 -5.80 5.04 11.19
C ILE B 148 -4.46 4.37 11.50
N ALA B 149 -3.38 5.06 11.22
CA ALA B 149 -2.06 4.52 11.59
C ALA B 149 -1.92 4.30 13.11
N LEU B 150 -2.39 5.24 13.91
CA LEU B 150 -2.30 5.11 15.38
C LEU B 150 -3.12 3.96 15.96
N GLU B 151 -4.27 3.65 15.35
CA GLU B 151 -5.06 2.48 15.77
C GLU B 151 -4.28 1.16 15.61
N GLN B 152 -3.33 1.14 14.67
CA GLN B 152 -2.54 -0.04 14.38
C GLN B 152 -1.37 -0.21 15.35
N VAL B 153 -0.68 0.87 15.70
CA VAL B 153 0.24 0.80 16.84
C VAL B 153 -0.57 0.45 18.13
N THR B 154 -1.45 1.36 18.58
CA THR B 154 -2.33 1.19 19.76
C THR B 154 -3.54 0.30 19.49
#